data_7KJT
#
_entry.id   7KJT
#
_cell.length_a   121.284
_cell.length_b   121.284
_cell.length_c   91.734
_cell.angle_alpha   90.00
_cell.angle_beta   90.00
_cell.angle_gamma   120.00
#
_symmetry.space_group_name_H-M   'P 32 2 1'
#
loop_
_entity.id
_entity.type
_entity.pdbx_description
1 polymer 'RNA (70-MER)'
2 polymer 'Regulatory protein Cgi121'
#
loop_
_entity_poly.entity_id
_entity_poly.type
_entity_poly.pdbx_seq_one_letter_code
_entity_poly.pdbx_strand_id
1 'polyribonucleotide' GGGCCCGUAGCUCAGUCUGGCAGAGCGCCUGGCUUUUAACCAGGUGGUCGAGGGUUCAAAUCCCUUCGGGCCCGCCA A
2 'polypeptide(L)'
;GAMDPMIIRGIRGARINNEIFNLGLKFQILNADVVATKKHVLHAINQAKTKKPIAKSFWMEILVRASGQRQIHEAIKIIG
AKDGNVCLICEDEETFRKIYELIGGEIDDSVLEINEDKERLIREIFKIRGFGNVVERVLEKIALIELKKE
;
H
#
# COMPACT_ATOMS: atom_id res chain seq x y z
N MET B 3 9.57 -7.75 -14.83
CA MET B 3 9.78 -9.18 -14.99
C MET B 3 8.47 -9.96 -14.83
N ASP B 4 8.13 -10.30 -13.58
CA ASP B 4 6.85 -10.92 -13.29
C ASP B 4 5.76 -9.86 -13.19
N PRO B 5 4.52 -10.20 -13.53
CA PRO B 5 3.42 -9.23 -13.35
C PRO B 5 3.08 -9.08 -11.88
N MET B 6 2.92 -7.84 -11.45
CA MET B 6 2.54 -7.56 -10.07
C MET B 6 1.19 -8.19 -9.78
N ILE B 7 1.09 -8.90 -8.65
CA ILE B 7 -0.17 -9.45 -8.18
C ILE B 7 -0.58 -8.66 -6.95
N ILE B 8 -1.80 -8.10 -7.00
CA ILE B 8 -2.30 -7.24 -5.94
C ILE B 8 -3.70 -7.71 -5.58
N ARG B 9 -3.88 -8.13 -4.33
CA ARG B 9 -5.18 -8.59 -3.85
C ARG B 9 -5.29 -8.18 -2.39
N GLY B 10 -6.34 -7.46 -2.05
CA GLY B 10 -6.62 -7.17 -0.66
C GLY B 10 -7.23 -8.38 0.03
N ILE B 11 -6.94 -8.50 1.33
CA ILE B 11 -7.50 -9.55 2.16
C ILE B 11 -8.12 -8.91 3.38
N ARG B 12 -9.34 -9.33 3.72
CA ARG B 12 -10.09 -8.76 4.83
C ARG B 12 -9.81 -9.54 6.10
N GLY B 13 -9.68 -8.82 7.21
CA GLY B 13 -9.50 -9.46 8.51
C GLY B 13 -8.24 -10.29 8.60
N ALA B 14 -7.08 -9.63 8.60
CA ALA B 14 -5.79 -10.29 8.68
C ALA B 14 -5.08 -9.87 9.97
N ARG B 15 -4.60 -10.85 10.72
CA ARG B 15 -3.78 -10.58 11.91
C ARG B 15 -2.31 -10.63 11.50
N ILE B 16 -1.63 -9.49 11.58
CA ILE B 16 -0.28 -9.35 11.06
C ILE B 16 0.72 -9.79 12.12
N ASN B 17 1.70 -10.58 11.71
CA ASN B 17 2.79 -11.01 12.56
C ASN B 17 4.07 -10.35 12.08
N ASN B 18 4.73 -9.60 12.96
CA ASN B 18 5.98 -8.94 12.60
C ASN B 18 7.03 -9.91 12.10
N GLU B 19 6.80 -11.22 12.24
CA GLU B 19 7.73 -12.20 11.69
C GLU B 19 7.88 -12.04 10.18
N ILE B 20 6.77 -11.82 9.47
CA ILE B 20 6.80 -11.83 8.02
C ILE B 20 7.82 -10.86 7.46
N PHE B 21 8.18 -9.83 8.22
CA PHE B 21 9.16 -8.83 7.79
C PHE B 21 10.59 -9.26 8.06
N ASN B 22 10.78 -10.43 8.69
CA ASN B 22 12.11 -10.94 9.00
C ASN B 22 12.40 -12.24 8.25
N LEU B 23 11.65 -12.52 7.18
CA LEU B 23 11.84 -13.72 6.37
C LEU B 23 12.55 -13.45 5.06
N GLY B 24 12.86 -12.20 4.76
CA GLY B 24 13.56 -11.87 3.52
C GLY B 24 12.79 -12.27 2.28
N LEU B 25 11.51 -11.93 2.24
CA LEU B 25 10.64 -12.25 1.12
C LEU B 25 10.28 -10.99 0.35
N LYS B 26 10.27 -11.08 -0.97
CA LYS B 26 9.97 -9.95 -1.84
C LYS B 26 8.45 -9.76 -1.87
N PHE B 27 7.98 -8.87 -1.01
CA PHE B 27 6.56 -8.54 -0.94
C PHE B 27 6.39 -7.20 -0.24
N GLN B 28 5.21 -6.61 -0.40
CA GLN B 28 4.83 -5.43 0.36
C GLN B 28 3.38 -5.57 0.77
N ILE B 29 3.07 -5.13 1.99
CA ILE B 29 1.74 -5.25 2.57
C ILE B 29 1.34 -3.88 3.08
N LEU B 30 0.12 -3.46 2.74
CA LEU B 30 -0.37 -2.12 3.03
C LEU B 30 -1.64 -2.18 3.86
N ASN B 31 -2.08 -1.01 4.32
CA ASN B 31 -3.33 -0.86 5.05
C ASN B 31 -4.45 -0.65 4.03
N ALA B 32 -5.27 -1.69 3.83
CA ALA B 32 -6.30 -1.61 2.80
C ALA B 32 -7.27 -0.47 3.05
N ASP B 33 -7.43 -0.07 4.31
CA ASP B 33 -8.40 0.96 4.66
C ASP B 33 -7.93 2.36 4.32
N VAL B 34 -6.75 2.52 3.73
CA VAL B 34 -6.24 3.85 3.38
C VAL B 34 -5.68 3.85 1.96
N VAL B 35 -6.03 2.84 1.16
CA VAL B 35 -5.64 2.78 -0.24
C VAL B 35 -6.81 3.31 -1.07
N ALA B 36 -6.54 4.31 -1.92
CA ALA B 36 -7.62 4.93 -2.69
C ALA B 36 -8.31 3.89 -3.56
N THR B 37 -7.54 3.07 -4.24
CA THR B 37 -8.06 1.97 -5.05
C THR B 37 -6.84 1.19 -5.53
N LYS B 38 -7.06 0.22 -6.41
CA LYS B 38 -5.92 -0.46 -7.04
C LYS B 38 -5.04 0.51 -7.82
N LYS B 39 -5.61 1.64 -8.27
CA LYS B 39 -4.81 2.63 -8.97
C LYS B 39 -3.80 3.30 -8.04
N HIS B 40 -4.16 3.49 -6.77
CA HIS B 40 -3.23 4.06 -5.81
C HIS B 40 -1.96 3.22 -5.74
N VAL B 41 -2.11 1.90 -5.52
CA VAL B 41 -0.94 1.04 -5.40
C VAL B 41 -0.18 0.97 -6.72
N LEU B 42 -0.90 0.92 -7.84
CA LEU B 42 -0.24 0.82 -9.14
C LEU B 42 0.64 2.05 -9.38
N HIS B 43 0.12 3.24 -9.11
CA HIS B 43 0.91 4.44 -9.32
C HIS B 43 2.15 4.43 -8.43
N ALA B 44 2.00 3.99 -7.18
CA ALA B 44 3.15 3.92 -6.28
C ALA B 44 4.21 3.00 -6.84
N ILE B 45 3.81 1.84 -7.36
CA ILE B 45 4.77 0.92 -7.95
C ILE B 45 5.43 1.56 -9.17
N ASN B 46 4.64 2.32 -9.94
CA ASN B 46 5.21 3.04 -11.09
C ASN B 46 6.28 4.02 -10.64
N GLN B 47 6.00 4.79 -9.58
CA GLN B 47 7.00 5.70 -9.05
C GLN B 47 8.21 4.92 -8.52
N ALA B 48 7.96 3.84 -7.80
CA ALA B 48 9.07 3.05 -7.26
C ALA B 48 9.93 2.46 -8.37
N LYS B 49 9.29 1.94 -9.42
CA LYS B 49 10.03 1.35 -10.53
C LYS B 49 10.90 2.38 -11.23
N THR B 50 10.36 3.57 -11.45
CA THR B 50 11.01 4.58 -12.29
C THR B 50 11.71 5.66 -11.48
N LYS B 51 10.96 6.38 -10.64
CA LYS B 51 11.49 7.59 -10.03
C LYS B 51 12.74 7.27 -9.18
N LYS B 52 13.44 8.34 -8.81
CA LYS B 52 14.72 8.18 -8.13
C LYS B 52 14.51 7.55 -6.76
N PRO B 53 15.34 6.57 -6.37
CA PRO B 53 15.08 5.84 -5.12
C PRO B 53 15.14 6.74 -3.90
N ILE B 54 14.27 6.44 -2.94
CA ILE B 54 14.37 6.98 -1.60
C ILE B 54 14.73 5.91 -0.59
N ALA B 55 14.40 4.66 -0.88
CA ALA B 55 14.63 3.53 -0.02
C ALA B 55 15.63 2.59 -0.66
N LYS B 56 16.32 1.84 0.20
CA LYS B 56 17.31 0.86 -0.24
C LYS B 56 16.69 -0.39 -0.83
N SER B 57 15.36 -0.49 -0.85
CA SER B 57 14.65 -1.63 -1.42
C SER B 57 13.56 -1.14 -2.36
N PHE B 58 13.32 -1.90 -3.42
CA PHE B 58 12.21 -1.58 -4.33
C PHE B 58 10.88 -1.74 -3.62
N TRP B 59 10.71 -2.81 -2.85
CA TRP B 59 9.43 -3.04 -2.17
C TRP B 59 9.19 -2.01 -1.08
N MET B 60 10.25 -1.61 -0.38
CA MET B 60 10.13 -0.48 0.55
C MET B 60 9.79 0.80 -0.20
N GLU B 61 10.42 1.00 -1.36
CA GLU B 61 10.13 2.18 -2.17
C GLU B 61 8.65 2.25 -2.54
N ILE B 62 7.98 1.12 -2.67
CA ILE B 62 6.55 1.12 -2.94
C ILE B 62 5.80 1.76 -1.76
N LEU B 63 6.18 1.37 -0.54
CA LEU B 63 5.47 1.86 0.64
C LEU B 63 5.61 3.37 0.78
N VAL B 64 6.82 3.89 0.60
CA VAL B 64 7.04 5.32 0.77
C VAL B 64 6.31 6.11 -0.30
N ARG B 65 6.31 5.61 -1.54
CA ARG B 65 5.58 6.27 -2.61
C ARG B 65 4.07 6.22 -2.37
N ALA B 66 3.59 5.13 -1.74
CA ALA B 66 2.17 5.05 -1.42
C ALA B 66 1.78 6.05 -0.34
N SER B 67 2.69 6.39 0.56
CA SER B 67 2.41 7.35 1.62
C SER B 67 2.40 8.80 1.13
N GLY B 68 2.93 9.06 -0.06
CA GLY B 68 2.96 10.42 -0.56
C GLY B 68 3.89 11.35 0.20
N GLN B 69 5.06 10.87 0.60
CA GLN B 69 6.00 11.70 1.34
C GLN B 69 7.29 10.92 1.57
N ARG B 70 8.38 11.65 1.83
CA ARG B 70 9.69 11.05 1.83
C ARG B 70 9.94 10.18 3.08
N GLN B 71 9.45 10.62 4.23
CA GLN B 71 9.80 9.96 5.48
C GLN B 71 9.46 8.47 5.40
N ILE B 72 10.44 7.63 5.72
CA ILE B 72 10.24 6.19 5.64
C ILE B 72 9.43 5.69 6.83
N HIS B 73 9.70 6.20 8.04
CA HIS B 73 8.97 5.73 9.21
C HIS B 73 7.54 6.25 9.23
N GLU B 74 7.33 7.47 8.74
CA GLU B 74 5.96 7.98 8.62
C GLU B 74 5.15 7.13 7.65
N ALA B 75 5.76 6.71 6.54
CA ALA B 75 5.04 5.89 5.57
C ALA B 75 4.60 4.58 6.19
N ILE B 76 5.47 3.96 6.98
CA ILE B 76 5.13 2.70 7.63
C ILE B 76 3.90 2.88 8.52
N LYS B 77 3.78 4.05 9.15
CA LYS B 77 2.62 4.34 9.97
C LYS B 77 1.41 4.73 9.14
N ILE B 78 1.63 5.53 8.09
CA ILE B 78 0.51 6.05 7.30
C ILE B 78 -0.24 4.91 6.62
N ILE B 79 0.49 4.04 5.92
CA ILE B 79 -0.14 3.04 5.07
C ILE B 79 0.43 1.65 5.33
N GLY B 80 1.02 1.45 6.49
CA GLY B 80 1.46 0.11 6.88
C GLY B 80 0.31 -0.73 7.39
N ALA B 81 0.43 -2.05 7.20
CA ALA B 81 -0.63 -2.97 7.56
C ALA B 81 -0.85 -2.99 9.07
N LYS B 82 -2.12 -2.96 9.48
CA LYS B 82 -2.50 -2.91 10.90
C LYS B 82 -3.60 -3.92 11.18
N ASP B 83 -3.19 -5.16 11.49
CA ASP B 83 -4.06 -6.16 12.12
C ASP B 83 -5.51 -6.07 11.64
N GLY B 84 -5.72 -6.23 10.35
CA GLY B 84 -7.06 -6.17 9.80
C GLY B 84 -7.07 -6.17 8.29
N ASN B 85 -7.80 -5.23 7.71
CA ASN B 85 -7.84 -5.11 6.26
C ASN B 85 -6.48 -4.66 5.73
N VAL B 86 -5.93 -5.41 4.78
CA VAL B 86 -4.61 -5.15 4.23
C VAL B 86 -4.60 -5.44 2.74
N CYS B 87 -3.55 -4.96 2.08
CA CYS B 87 -3.33 -5.17 0.65
C CYS B 87 -1.97 -5.81 0.47
N LEU B 88 -1.96 -7.09 0.12
CA LEU B 88 -0.72 -7.82 -0.10
C LEU B 88 -0.28 -7.65 -1.56
N ILE B 89 1.01 -7.38 -1.75
CA ILE B 89 1.57 -7.05 -3.06
C ILE B 89 2.77 -7.95 -3.27
N CYS B 90 2.73 -8.73 -4.36
CA CYS B 90 3.78 -9.69 -4.64
C CYS B 90 4.09 -9.72 -6.13
N GLU B 91 5.23 -10.34 -6.46
CA GLU B 91 5.55 -10.74 -7.83
C GLU B 91 5.60 -12.25 -8.00
N ASP B 92 5.71 -13.01 -6.91
CA ASP B 92 5.76 -14.46 -6.95
C ASP B 92 4.53 -15.02 -6.25
N GLU B 93 3.80 -15.90 -6.94
CA GLU B 93 2.58 -16.46 -6.36
C GLU B 93 2.89 -17.23 -5.08
N GLU B 94 3.98 -18.00 -5.07
CA GLU B 94 4.36 -18.74 -3.87
C GLU B 94 4.63 -17.77 -2.71
N THR B 95 5.27 -16.64 -3.00
CA THR B 95 5.50 -15.64 -1.96
C THR B 95 4.19 -15.20 -1.33
N PHE B 96 3.21 -14.82 -2.16
CA PHE B 96 1.91 -14.43 -1.64
C PHE B 96 1.30 -15.55 -0.80
N ARG B 97 1.34 -16.78 -1.31
CA ARG B 97 0.78 -17.90 -0.56
C ARG B 97 1.45 -18.04 0.79
N LYS B 98 2.76 -17.78 0.86
CA LYS B 98 3.48 -17.95 2.12
C LYS B 98 2.97 -16.99 3.18
N ILE B 99 2.93 -15.69 2.86
CA ILE B 99 2.56 -14.69 3.87
C ILE B 99 1.10 -14.85 4.26
N TYR B 100 0.22 -15.10 3.29
CA TYR B 100 -1.19 -15.29 3.61
C TYR B 100 -1.37 -16.38 4.67
N GLU B 101 -0.51 -17.41 4.64
CA GLU B 101 -0.56 -18.43 5.67
C GLU B 101 -0.19 -17.90 7.04
N LEU B 102 0.41 -16.70 7.10
CA LEU B 102 0.87 -16.14 8.36
C LEU B 102 -0.01 -15.01 8.89
N ILE B 103 -0.99 -14.55 8.11
CA ILE B 103 -1.85 -13.47 8.59
C ILE B 103 -3.32 -13.84 8.49
N GLY B 104 -3.66 -14.73 7.56
CA GLY B 104 -5.04 -15.18 7.44
C GLY B 104 -5.96 -14.14 6.83
N GLY B 105 -7.26 -14.41 6.96
CA GLY B 105 -8.29 -13.53 6.45
C GLY B 105 -8.79 -13.91 5.07
N GLU B 106 -10.11 -13.89 4.88
CA GLU B 106 -10.67 -14.18 3.57
C GLU B 106 -10.27 -13.10 2.58
N ILE B 107 -9.75 -13.51 1.42
CA ILE B 107 -9.32 -12.54 0.42
C ILE B 107 -10.54 -11.84 -0.16
N ASP B 108 -10.51 -10.51 -0.15
CA ASP B 108 -11.64 -9.71 -0.62
C ASP B 108 -11.08 -8.45 -1.24
N ASP B 109 -11.00 -8.43 -2.58
CA ASP B 109 -10.47 -7.26 -3.26
C ASP B 109 -11.31 -6.01 -3.02
N SER B 110 -12.60 -6.17 -2.66
CA SER B 110 -13.43 -5.02 -2.36
C SER B 110 -12.90 -4.25 -1.16
N VAL B 111 -12.07 -4.90 -0.32
CA VAL B 111 -11.46 -4.21 0.81
C VAL B 111 -10.58 -3.06 0.37
N LEU B 112 -10.19 -3.03 -0.91
CA LEU B 112 -9.44 -1.91 -1.46
C LEU B 112 -10.34 -0.86 -2.10
N GLU B 113 -11.64 -1.16 -2.29
CA GLU B 113 -12.59 -0.17 -2.76
C GLU B 113 -12.85 0.86 -1.67
N ILE B 114 -13.29 2.05 -2.07
CA ILE B 114 -13.37 3.21 -1.18
C ILE B 114 -14.83 3.58 -0.96
N ASN B 115 -15.18 3.81 0.30
CA ASN B 115 -16.49 4.24 0.76
C ASN B 115 -16.34 5.63 1.41
N GLU B 116 -17.45 6.16 1.90
CA GLU B 116 -17.43 7.51 2.45
C GLU B 116 -16.54 7.59 3.69
N ASP B 117 -16.62 6.59 4.57
CA ASP B 117 -15.76 6.60 5.76
C ASP B 117 -14.30 6.49 5.37
N LYS B 118 -13.99 5.62 4.41
CA LYS B 118 -12.62 5.52 3.91
C LYS B 118 -12.18 6.82 3.25
N GLU B 119 -13.10 7.49 2.55
CA GLU B 119 -12.76 8.75 1.92
C GLU B 119 -12.40 9.80 2.97
N ARG B 120 -13.19 9.89 4.05
CA ARG B 120 -12.84 10.82 5.12
C ARG B 120 -11.48 10.48 5.70
N LEU B 121 -11.23 9.19 5.94
CA LEU B 121 -9.95 8.77 6.51
C LEU B 121 -8.80 9.17 5.59
N ILE B 122 -8.92 8.84 4.30
CA ILE B 122 -7.84 9.11 3.37
C ILE B 122 -7.60 10.61 3.23
N ARG B 123 -8.69 11.38 3.10
CA ARG B 123 -8.54 12.83 2.96
C ARG B 123 -7.87 13.44 4.19
N GLU B 124 -8.28 12.99 5.37
CA GLU B 124 -7.62 13.48 6.58
C GLU B 124 -6.16 13.05 6.62
N ILE B 125 -5.89 11.78 6.28
CA ILE B 125 -4.54 11.25 6.40
C ILE B 125 -3.62 11.90 5.37
N PHE B 126 -4.06 11.96 4.12
CA PHE B 126 -3.23 12.51 3.04
C PHE B 126 -3.30 14.03 2.96
N LYS B 127 -3.77 14.69 4.01
CA LYS B 127 -3.82 16.15 4.04
C LYS B 127 -4.50 16.68 2.78
N ILE B 128 -5.60 16.04 2.39
CA ILE B 128 -6.34 16.43 1.17
C ILE B 128 -7.35 17.48 1.61
N ARG B 129 -6.88 18.73 1.68
CA ARG B 129 -7.70 19.86 2.07
C ARG B 129 -8.24 20.51 0.80
N GLY B 130 -9.47 20.18 0.44
CA GLY B 130 -10.11 20.78 -0.72
C GLY B 130 -11.06 19.80 -1.38
N PHE B 131 -11.82 20.33 -2.34
CA PHE B 131 -12.71 19.50 -3.14
C PHE B 131 -11.93 18.85 -4.29
N GLY B 132 -12.58 17.89 -4.95
CA GLY B 132 -11.97 17.17 -6.03
C GLY B 132 -11.96 15.69 -5.78
N ASN B 133 -11.97 14.89 -6.85
CA ASN B 133 -12.00 13.44 -6.70
C ASN B 133 -10.85 12.98 -5.82
N VAL B 134 -11.19 12.12 -4.85
CA VAL B 134 -10.22 11.77 -3.82
C VAL B 134 -9.01 11.08 -4.42
N VAL B 135 -9.24 10.05 -5.24
CA VAL B 135 -8.11 9.28 -5.76
C VAL B 135 -7.29 10.13 -6.71
N GLU B 136 -7.93 10.99 -7.49
CA GLU B 136 -7.19 11.85 -8.40
C GLU B 136 -6.15 12.67 -7.66
N ARG B 137 -6.53 13.24 -6.52
CA ARG B 137 -5.60 14.04 -5.74
C ARG B 137 -4.70 13.19 -4.85
N VAL B 138 -5.03 11.91 -4.65
CA VAL B 138 -4.10 11.01 -3.98
C VAL B 138 -2.90 10.73 -4.89
N LEU B 139 -3.18 10.43 -6.15
CA LEU B 139 -2.10 10.25 -7.12
C LEU B 139 -1.29 11.53 -7.27
N GLU B 140 -1.98 12.67 -7.35
CA GLU B 140 -1.29 13.95 -7.49
C GLU B 140 -0.31 14.16 -6.35
N LYS B 141 -0.71 13.83 -5.12
CA LYS B 141 0.19 14.00 -3.97
C LYS B 141 1.39 13.07 -4.08
N ILE B 142 1.18 11.85 -4.56
CA ILE B 142 2.28 10.90 -4.71
C ILE B 142 3.24 11.35 -5.79
N ALA B 143 2.70 11.91 -6.89
CA ALA B 143 3.55 12.27 -8.01
C ALA B 143 4.57 13.34 -7.64
N LEU B 144 4.23 14.22 -6.69
CA LEU B 144 5.08 15.33 -6.32
C LEU B 144 5.86 15.06 -5.04
N ILE B 145 6.05 13.79 -4.68
CA ILE B 145 6.96 13.47 -3.59
C ILE B 145 8.35 14.01 -3.90
N GLU B 146 8.73 14.03 -5.18
CA GLU B 146 10.02 14.57 -5.59
C GLU B 146 9.98 16.08 -5.71
N LEU B 147 9.49 16.76 -4.68
CA LEU B 147 9.45 18.22 -4.66
C LEU B 147 9.65 18.72 -3.23
#